data_8S9F
#
_entry.id   8S9F
#
_cell.length_a   55.237
_cell.length_b   110.036
_cell.length_c   61.142
_cell.angle_alpha   90.000
_cell.angle_beta   99.510
_cell.angle_gamma   90.000
#
_symmetry.space_group_name_H-M   'P 1 21 1'
#
loop_
_entity.id
_entity.type
_entity.pdbx_description
1 polymer 'Tyrosine-protein kinase BTK'
2 non-polymer N-(2-CHLORO-6-METHYLPHENYL)-2-({6-[4-(2-HYDROXYETHYL)PIPERAZIN-1-YL]-2-METHYLPYRIMIDIN-4-YL}AMINO)-1,3-THIAZOLE-5-CARBOXAMIDE
3 water water
#
_entity_poly.entity_id   1
_entity_poly.type   'polypeptide(L)'
_entity_poly.pdbx_seq_one_letter_code
;MKNAPSTAGGGYGSWEIDPKDLTFLKELGTGQFGVVKYGKWRGQYDVAIKMIREGSMSEDEFIEEAKVMMNLSHEKLVQL
YGVCTKQRPIFIITEYMANGCLLNYLREMRHRFQTQQLLEMCKDVCEAMEYLESKQFLHRDLAARNCLVNDQGVVKVSDF
GLSRYVLDDEETSSVGSKFPVRWSPPEVLMYSKFSSKSDIWAFGVLMWEIYSLGKMPYERFTNSETAEHIAQGLRLPRPH
LASERVYTIMYSCWHEKADERPSFKILLSNILDVMDEES
;
_entity_poly.pdbx_strand_id   B,A
#
loop_
_chem_comp.id
_chem_comp.type
_chem_comp.name
_chem_comp.formula
1N1 non-polymer N-(2-CHLORO-6-METHYLPHENYL)-2-({6-[4-(2-HYDROXYETHYL)PIPERAZIN-1-YL]-2-METHYLPYRIMIDIN-4-YL}AMINO)-1,3-THIAZOLE-5-CARBOXAMIDE 'C22 H26 Cl N7 O2 S'
#
# COMPACT_ATOMS: atom_id res chain seq x y z
N TYR A 12 -4.36 14.64 -23.41
CA TYR A 12 -4.93 13.31 -23.28
C TYR A 12 -6.08 13.10 -24.25
N GLY A 13 -6.15 13.96 -25.27
CA GLY A 13 -7.21 13.86 -26.27
C GLY A 13 -8.35 14.83 -26.04
N SER A 14 -9.57 14.41 -26.35
CA SER A 14 -10.73 15.28 -26.15
C SER A 14 -10.91 15.64 -24.67
N TRP A 15 -10.36 14.85 -23.75
CA TRP A 15 -10.46 15.17 -22.34
C TRP A 15 -9.76 16.46 -21.98
N GLU A 16 -8.87 16.95 -22.85
CA GLU A 16 -8.17 18.20 -22.58
C GLU A 16 -9.15 19.36 -22.60
N ILE A 17 -9.18 20.13 -21.51
CA ILE A 17 -10.06 21.28 -21.38
C ILE A 17 -9.22 22.55 -21.41
N ASP A 18 -9.81 23.62 -21.94
CA ASP A 18 -9.12 24.90 -22.01
C ASP A 18 -9.21 25.60 -20.65
N PRO A 19 -8.08 25.85 -19.97
CA PRO A 19 -8.15 26.54 -18.67
C PRO A 19 -8.88 27.86 -18.73
N LYS A 20 -8.83 28.56 -19.87
CA LYS A 20 -9.52 29.84 -19.99
C LYS A 20 -11.04 29.64 -20.06
N ASP A 21 -11.48 28.52 -20.64
CA ASP A 21 -12.92 28.27 -20.73
C ASP A 21 -13.55 28.13 -19.35
N LEU A 22 -12.78 27.71 -18.36
CA LEU A 22 -13.28 27.56 -16.99
C LEU A 22 -12.93 28.80 -16.18
N THR A 23 -13.84 29.19 -15.29
CA THR A 23 -13.67 30.34 -14.42
C THR A 23 -13.61 29.86 -12.97
N PHE A 24 -12.59 30.32 -12.24
CA PHE A 24 -12.43 29.95 -10.83
C PHE A 24 -13.20 30.96 -9.99
N LEU A 25 -14.45 30.64 -9.70
CA LEU A 25 -15.33 31.53 -8.95
C LEU A 25 -14.96 31.51 -7.47
N GLU A 27 -14.21 29.07 -3.45
CA GLU A 27 -13.48 27.90 -2.98
C GLU A 27 -14.38 26.96 -2.20
N LEU A 28 -14.21 25.66 -2.42
CA LEU A 28 -15.00 24.64 -1.74
C LEU A 28 -14.25 23.90 -0.64
N GLY A 29 -12.95 23.67 -0.82
CA GLY A 29 -12.18 22.98 0.19
C GLY A 29 -10.76 22.75 -0.28
N THR A 30 -10.07 21.85 0.41
CA THR A 30 -8.69 21.53 0.07
C THR A 30 -8.39 20.10 0.51
N GLY A 31 -7.55 19.43 -0.28
CA GLY A 31 -7.10 18.09 0.04
C GLY A 31 -5.58 18.00 0.06
N GLN A 32 -5.05 16.80 0.24
CA GLN A 32 -3.60 16.62 0.25
C GLN A 32 -3.01 16.97 -1.11
N PHE A 33 -3.47 16.28 -2.16
CA PHE A 33 -2.89 16.44 -3.49
C PHE A 33 -3.14 17.82 -4.08
N GLY A 34 -4.01 18.63 -3.48
CA GLY A 34 -4.26 19.96 -4.01
C GLY A 34 -5.47 20.59 -3.36
N VAL A 35 -6.09 21.51 -4.11
CA VAL A 35 -7.27 22.23 -3.64
C VAL A 35 -8.36 22.14 -4.69
N VAL A 36 -9.60 22.08 -4.23
CA VAL A 36 -10.78 22.00 -5.09
C VAL A 36 -11.51 23.33 -5.03
N LYS A 37 -11.83 23.87 -6.20
CA LYS A 37 -12.56 25.13 -6.32
C LYS A 37 -13.83 24.90 -7.13
N TYR A 38 -14.63 25.97 -7.25
CA TYR A 38 -15.89 25.93 -7.98
C TYR A 38 -15.79 26.79 -9.23
N GLY A 39 -16.41 26.34 -10.32
CA GLY A 39 -16.36 27.07 -11.55
C GLY A 39 -17.45 26.61 -12.50
N LYS A 40 -17.47 27.22 -13.68
CA LYS A 40 -18.44 26.91 -14.72
C LYS A 40 -17.75 26.87 -16.07
N TRP A 41 -18.15 25.91 -16.91
CA TRP A 41 -17.58 25.74 -18.24
C TRP A 41 -18.42 26.53 -19.24
N ARG A 42 -17.81 27.52 -19.89
CA ARG A 42 -18.48 28.31 -20.93
C ARG A 42 -19.73 29.01 -20.39
N GLY A 43 -19.77 29.26 -19.09
CA GLY A 43 -20.93 29.90 -18.50
C GLY A 43 -22.23 29.17 -18.72
N GLN A 44 -22.17 27.84 -18.91
CA GLN A 44 -23.37 27.05 -19.14
C GLN A 44 -23.39 25.73 -18.39
N TYR A 45 -22.25 25.14 -18.04
CA TYR A 45 -22.19 23.88 -17.33
C TYR A 45 -21.44 24.08 -16.01
N ASP A 46 -22.01 23.57 -14.92
CA ASP A 46 -21.39 23.66 -13.62
C ASP A 46 -20.46 22.48 -13.40
N VAL A 47 -19.29 22.75 -12.81
CA VAL A 47 -18.28 21.73 -12.59
C VAL A 47 -17.34 22.20 -11.50
N ALA A 48 -16.62 21.27 -10.89
CA ALA A 48 -15.63 21.57 -9.87
C ALA A 48 -14.23 21.31 -10.43
N ILE A 49 -13.28 22.15 -10.03
CA ILE A 49 -11.91 22.09 -10.52
C ILE A 49 -11.00 21.69 -9.36
N LYS A 50 -10.04 20.82 -9.65
CA LYS A 50 -9.05 20.36 -8.69
C LYS A 50 -7.66 20.74 -9.20
N MET A 51 -6.97 21.58 -8.43
CA MET A 51 -5.63 22.04 -8.78
C MET A 51 -4.62 21.21 -7.98
N ILE A 52 -4.10 20.15 -8.60
CA ILE A 52 -3.14 19.28 -7.92
C ILE A 52 -1.81 20.00 -7.76
N ARG A 53 -1.14 19.76 -6.64
CA ARG A 53 0.12 20.40 -6.37
C ARG A 53 1.21 19.81 -7.29
N GLU A 54 2.35 20.49 -7.33
CA GLU A 54 3.43 20.08 -8.22
C GLU A 54 4.07 18.78 -7.73
N GLY A 55 4.40 18.69 -6.44
CA GLY A 55 5.10 17.56 -5.89
C GLY A 55 4.25 16.56 -5.14
N SER A 56 2.92 16.64 -5.25
CA SER A 56 2.07 15.70 -4.53
C SER A 56 2.03 14.34 -5.22
N MET A 57 1.91 14.33 -6.55
CA MET A 57 1.86 13.11 -7.33
C MET A 57 2.95 13.12 -8.39
N SER A 58 3.21 11.95 -8.96
CA SER A 58 4.19 11.78 -10.02
C SER A 58 3.49 11.68 -11.37
N GLU A 59 4.29 11.76 -12.43
CA GLU A 59 3.73 11.59 -13.77
C GLU A 59 3.08 10.23 -13.94
N ASP A 60 3.74 9.17 -13.45
CA ASP A 60 3.17 7.83 -13.55
C ASP A 60 1.89 7.71 -12.73
N GLU A 61 1.86 8.33 -11.56
CA GLU A 61 0.67 8.26 -10.71
C GLU A 61 -0.53 8.87 -11.42
N PHE A 62 -0.35 10.04 -12.04
CA PHE A 62 -1.46 10.67 -12.75
C PHE A 62 -1.92 9.79 -13.91
N ILE A 63 -0.99 9.36 -14.77
CA ILE A 63 -1.36 8.55 -15.93
C ILE A 63 -2.20 7.36 -15.50
N GLU A 64 -1.89 6.77 -14.35
CA GLU A 64 -2.69 5.66 -13.84
C GLU A 64 -4.03 6.14 -13.31
N GLU A 65 -4.03 7.23 -12.55
CA GLU A 65 -5.28 7.80 -12.05
C GLU A 65 -6.20 8.19 -13.20
N ALA A 66 -5.68 9.00 -14.13
CA ALA A 66 -6.46 9.39 -15.29
C ALA A 66 -6.98 8.17 -16.05
N LYS A 67 -6.08 7.26 -16.40
CA LYS A 67 -6.50 6.04 -17.11
C LYS A 67 -7.66 5.35 -16.39
N VAL A 68 -7.73 5.48 -15.07
CA VAL A 68 -8.85 4.92 -14.33
C VAL A 68 -10.05 5.86 -14.36
N MET A 69 -9.81 7.17 -14.36
CA MET A 69 -10.91 8.13 -14.35
C MET A 69 -11.67 8.13 -15.67
N MET A 70 -10.95 7.98 -16.78
CA MET A 70 -11.57 8.07 -18.10
C MET A 70 -12.16 6.76 -18.59
N ASN A 71 -11.76 5.63 -17.99
CA ASN A 71 -12.25 4.31 -18.40
C ASN A 71 -13.40 3.80 -17.55
N LEU A 72 -13.78 4.54 -16.50
CA LEU A 72 -14.88 4.15 -15.63
C LEU A 72 -15.98 5.20 -15.68
N SER A 73 -17.22 4.73 -15.56
CA SER A 73 -18.37 5.63 -15.60
C SER A 73 -19.56 4.91 -14.97
N HIS A 74 -20.29 5.63 -14.11
CA HIS A 74 -21.47 5.10 -13.47
C HIS A 74 -22.29 6.27 -12.93
N GLU A 75 -23.61 6.11 -12.96
CA GLU A 75 -24.50 7.20 -12.54
C GLU A 75 -24.16 7.68 -11.14
N LYS A 76 -23.90 6.76 -10.22
CA LYS A 76 -23.56 7.08 -8.84
C LYS A 76 -22.06 7.31 -8.65
N LEU A 77 -21.33 7.62 -9.71
CA LEU A 77 -19.91 7.95 -9.63
C LEU A 77 -19.70 9.38 -10.11
N VAL A 78 -18.81 10.10 -9.44
CA VAL A 78 -18.49 11.48 -9.80
C VAL A 78 -18.02 11.51 -11.25
N GLN A 79 -18.81 12.12 -12.12
CA GLN A 79 -18.46 12.17 -13.53
C GLN A 79 -17.29 13.12 -13.76
N LEU A 80 -16.36 12.70 -14.61
CA LEU A 80 -15.21 13.52 -14.97
C LEU A 80 -15.54 14.33 -16.22
N TYR A 81 -15.34 15.64 -16.14
CA TYR A 81 -15.61 16.53 -17.27
C TYR A 81 -14.40 16.73 -18.15
N GLY A 82 -13.19 16.69 -17.59
CA GLY A 82 -11.99 16.88 -18.36
C GLY A 82 -10.82 17.23 -17.46
N VAL A 83 -9.69 17.50 -18.11
CA VAL A 83 -8.45 17.87 -17.43
C VAL A 83 -7.72 18.88 -18.28
N CYS A 84 -6.78 19.58 -17.64
CA CYS A 84 -5.91 20.56 -18.31
C CYS A 84 -4.48 20.13 -18.05
N THR A 85 -3.92 19.32 -18.95
CA THR A 85 -2.59 18.76 -18.78
C THR A 85 -1.48 19.66 -19.30
N LYS A 86 -1.81 20.71 -20.05
CA LYS A 86 -0.83 21.67 -20.53
C LYS A 86 -0.67 22.85 -19.59
N GLN A 87 -0.93 22.66 -18.30
CA GLN A 87 -0.88 23.75 -17.32
C GLN A 87 -0.29 23.22 -16.02
N ARG A 88 0.44 24.09 -15.34
CA ARG A 88 1.03 23.80 -14.03
C ARG A 88 0.49 24.83 -13.04
N PRO A 89 -0.29 24.43 -12.03
CA PRO A 89 -0.61 23.06 -11.61
C PRO A 89 -1.60 22.34 -12.53
N ILE A 90 -1.48 21.01 -12.62
CA ILE A 90 -2.38 20.23 -13.44
C ILE A 90 -3.78 20.26 -12.83
N PHE A 91 -4.80 20.34 -13.68
CA PHE A 91 -6.18 20.47 -13.25
C PHE A 91 -6.97 19.21 -13.57
N ILE A 92 -8.02 18.98 -12.80
CA ILE A 92 -8.95 17.86 -13.00
C ILE A 92 -10.36 18.41 -12.81
N ILE A 93 -11.15 18.43 -13.88
CA ILE A 93 -12.51 18.96 -13.85
C ILE A 93 -13.48 17.80 -13.67
N THR A 94 -14.49 18.00 -12.82
CA THR A 94 -15.51 17.00 -12.54
C THR A 94 -16.86 17.70 -12.43
N GLU A 95 -17.91 16.89 -12.25
CA GLU A 95 -19.24 17.45 -12.05
C GLU A 95 -19.35 18.10 -10.68
N TYR A 96 -20.22 19.10 -10.58
CA TYR A 96 -20.43 19.81 -9.33
C TYR A 96 -21.54 19.14 -8.53
N MET A 97 -21.30 19.00 -7.23
CA MET A 97 -22.27 18.43 -6.29
C MET A 97 -22.83 19.57 -5.46
N ALA A 98 -24.09 19.94 -5.72
CA ALA A 98 -24.67 21.10 -5.05
C ALA A 98 -24.63 20.96 -3.54
N ASN A 99 -24.98 19.79 -3.02
CA ASN A 99 -25.04 19.58 -1.58
C ASN A 99 -23.69 19.23 -0.96
N GLY A 100 -22.67 18.95 -1.77
CA GLY A 100 -21.34 18.76 -1.22
C GLY A 100 -21.23 17.47 -0.41
N CYS A 101 -20.42 17.52 0.64
CA CYS A 101 -20.14 16.34 1.43
C CYS A 101 -21.42 15.73 1.99
N LEU A 102 -21.38 14.41 2.20
CA LEU A 102 -22.54 13.71 2.74
C LEU A 102 -22.66 13.90 4.25
N LEU A 103 -21.52 13.87 4.96
CA LEU A 103 -21.56 14.02 6.41
C LEU A 103 -22.18 15.35 6.82
N ASN A 104 -21.73 16.44 6.19
CA ASN A 104 -22.32 17.75 6.48
C ASN A 104 -23.76 17.82 5.97
N TYR A 105 -24.08 17.09 4.89
CA TYR A 105 -25.45 17.07 4.40
C TYR A 105 -26.39 16.35 5.36
N LEU A 106 -25.89 15.32 6.05
CA LEU A 106 -26.72 14.61 7.01
C LEU A 106 -26.93 15.42 8.28
N ARG A 107 -25.99 16.30 8.62
CA ARG A 107 -26.08 17.11 9.83
C ARG A 107 -26.81 18.42 9.61
N GLU A 108 -26.78 18.96 8.38
CA GLU A 108 -27.47 20.21 8.11
C GLU A 108 -28.96 20.00 7.85
N MET A 109 -29.33 18.82 7.34
CA MET A 109 -30.72 18.49 7.05
C MET A 109 -31.26 17.42 7.98
N ARG A 110 -30.71 17.32 9.20
CA ARG A 110 -31.12 16.28 10.13
C ARG A 110 -32.63 16.32 10.39
N HIS A 111 -33.25 17.48 10.27
CA HIS A 111 -34.67 17.64 10.50
C HIS A 111 -35.48 17.57 9.22
N ARG A 112 -34.85 17.25 8.08
CA ARG A 112 -35.51 17.28 6.78
C ARG A 112 -35.22 16.00 6.01
N PHE A 113 -35.44 14.86 6.66
CA PHE A 113 -35.21 13.56 6.04
C PHE A 113 -36.42 12.66 6.29
N GLN A 114 -36.58 11.69 5.39
CA GLN A 114 -37.59 10.65 5.53
C GLN A 114 -36.90 9.30 5.71
N THR A 115 -37.68 8.32 6.17
CA THR A 115 -37.14 6.97 6.30
C THR A 115 -36.80 6.38 4.95
N GLN A 116 -37.57 6.73 3.91
CA GLN A 116 -37.29 6.23 2.56
C GLN A 116 -36.08 6.93 1.96
N GLN A 117 -35.80 8.16 2.38
CA GLN A 117 -34.64 8.88 1.88
C GLN A 117 -33.34 8.27 2.39
N LEU A 118 -33.31 7.89 3.67
CA LEU A 118 -32.10 7.31 4.24
C LEU A 118 -31.69 6.05 3.50
N LEU A 119 -32.63 5.10 3.34
CA LEU A 119 -32.32 3.87 2.63
C LEU A 119 -31.99 4.15 1.17
N GLU A 120 -32.59 5.18 0.57
CA GLU A 120 -32.26 5.55 -0.80
C GLU A 120 -30.79 5.98 -0.90
N MET A 121 -30.31 6.70 0.10
CA MET A 121 -28.89 7.10 0.10
C MET A 121 -27.99 5.87 0.13
N CYS A 122 -28.28 4.92 1.03
CA CYS A 122 -27.46 3.72 1.12
C CYS A 122 -27.38 3.01 -0.21
N LYS A 123 -28.47 2.97 -0.97
CA LYS A 123 -28.44 2.36 -2.29
C LYS A 123 -27.52 3.13 -3.23
N ASP A 124 -27.56 4.47 -3.16
CA ASP A 124 -26.73 5.27 -4.04
C ASP A 124 -25.24 4.96 -3.84
N VAL A 125 -24.84 4.63 -2.62
CA VAL A 125 -23.44 4.30 -2.37
C VAL A 125 -23.17 2.84 -2.70
N CYS A 126 -24.13 1.95 -2.43
CA CYS A 126 -23.94 0.54 -2.75
C CYS A 126 -23.92 0.31 -4.26
N GLU A 127 -24.79 0.98 -5.00
CA GLU A 127 -24.79 0.84 -6.45
C GLU A 127 -23.44 1.22 -7.04
N ALA A 128 -22.81 2.25 -6.49
CA ALA A 128 -21.49 2.64 -6.96
C ALA A 128 -20.44 1.58 -6.60
N MET A 129 -20.45 1.13 -5.35
CA MET A 129 -19.46 0.14 -4.93
C MET A 129 -19.63 -1.16 -5.69
N GLU A 130 -20.87 -1.56 -5.97
CA GLU A 130 -21.11 -2.75 -6.76
C GLU A 130 -20.42 -2.67 -8.11
N TYR A 131 -20.45 -1.48 -8.73
CA TYR A 131 -19.75 -1.30 -10.00
C TYR A 131 -18.24 -1.37 -9.81
N LEU A 132 -17.74 -0.75 -8.73
CA LEU A 132 -16.30 -0.84 -8.46
C LEU A 132 -15.88 -2.27 -8.16
N GLU A 133 -16.73 -3.02 -7.46
CA GLU A 133 -16.41 -4.41 -7.14
C GLU A 133 -16.28 -5.24 -8.41
N SER A 134 -17.15 -5.01 -9.39
CA SER A 134 -17.07 -5.75 -10.64
C SER A 134 -15.76 -5.46 -11.37
N LYS A 135 -15.26 -4.23 -11.25
CA LYS A 135 -14.01 -3.84 -11.90
C LYS A 135 -12.80 -4.08 -11.01
N GLN A 136 -12.97 -4.76 -9.87
CA GLN A 136 -11.87 -5.13 -8.98
C GLN A 136 -11.22 -3.91 -8.33
N PHE A 137 -11.96 -2.82 -8.17
CA PHE A 137 -11.45 -1.60 -7.57
C PHE A 137 -11.83 -1.53 -6.10
N LEU A 138 -10.99 -0.85 -5.32
CA LEU A 138 -11.13 -0.79 -3.87
C LEU A 138 -11.10 0.66 -3.41
N HIS A 139 -12.00 1.01 -2.49
CA HIS A 139 -12.03 2.33 -1.88
C HIS A 139 -11.20 2.30 -0.61
N ARG A 140 -10.08 3.02 -0.62
CA ARG A 140 -9.18 3.01 0.53
C ARG A 140 -9.79 3.69 1.74
N ASP A 141 -10.67 4.68 1.52
CA ASP A 141 -11.27 5.47 2.60
C ASP A 141 -12.75 5.68 2.29
N LEU A 142 -13.55 4.65 2.51
CA LEU A 142 -14.99 4.71 2.29
C LEU A 142 -15.66 5.18 3.58
N ALA A 143 -16.28 6.35 3.54
CA ALA A 143 -16.95 6.92 4.71
C ALA A 143 -17.81 8.08 4.23
N ALA A 144 -18.70 8.53 5.12
CA ALA A 144 -19.60 9.63 4.78
C ALA A 144 -18.84 10.90 4.46
N ARG A 145 -17.66 11.09 5.06
CA ARG A 145 -16.87 12.28 4.80
C ARG A 145 -16.26 12.29 3.40
N ASN A 146 -16.19 11.13 2.75
CA ASN A 146 -15.66 11.02 1.40
C ASN A 146 -16.74 10.85 0.35
N CYS A 147 -18.01 11.01 0.73
CA CYS A 147 -19.13 10.91 -0.20
C CYS A 147 -19.70 12.30 -0.45
N LEU A 148 -20.20 12.49 -1.68
CA LEU A 148 -20.76 13.76 -2.09
C LEU A 148 -22.22 13.57 -2.50
N VAL A 149 -22.98 14.67 -2.45
CA VAL A 149 -24.40 14.67 -2.74
C VAL A 149 -24.69 15.78 -3.73
N ASN A 150 -25.39 15.44 -4.82
CA ASN A 150 -25.75 16.43 -5.83
C ASN A 150 -27.01 17.18 -5.39
N ASP A 151 -27.58 17.98 -6.29
CA ASP A 151 -28.72 18.81 -5.93
C ASP A 151 -29.97 17.96 -5.66
N GLN A 152 -30.11 16.83 -6.33
CA GLN A 152 -31.28 15.98 -6.18
C GLN A 152 -31.15 15.01 -5.01
N GLY A 153 -30.16 15.19 -4.14
CA GLY A 153 -29.99 14.32 -3.00
C GLY A 153 -29.41 12.96 -3.32
N VAL A 154 -28.78 12.80 -4.47
CA VAL A 154 -28.19 11.52 -4.86
C VAL A 154 -26.74 11.49 -4.40
N VAL A 155 -26.38 10.43 -3.69
CA VAL A 155 -25.02 10.25 -3.19
C VAL A 155 -24.18 9.61 -4.29
N LYS A 156 -22.90 10.00 -4.33
CA LYS A 156 -21.97 9.46 -5.33
C LYS A 156 -20.59 9.35 -4.70
N VAL A 157 -19.90 8.25 -5.00
CA VAL A 157 -18.55 8.04 -4.51
C VAL A 157 -17.55 8.52 -5.56
N SER A 158 -16.29 8.65 -5.16
CA SER A 158 -15.23 9.12 -6.05
C SER A 158 -14.31 7.96 -6.43
N ASP A 159 -13.74 8.05 -7.63
CA ASP A 159 -12.81 7.06 -8.13
C ASP A 159 -11.38 7.57 -8.19
N PHE A 160 -11.11 8.76 -7.65
CA PHE A 160 -9.76 9.28 -7.57
C PHE A 160 -9.06 8.69 -6.36
N GLY A 161 -7.84 8.19 -6.56
CA GLY A 161 -7.08 7.61 -5.47
C GLY A 161 -7.50 6.21 -5.11
N LEU A 162 -8.04 5.44 -6.06
CA LEU A 162 -8.45 4.07 -5.79
C LEU A 162 -7.25 3.13 -5.92
N SER A 163 -7.48 1.86 -5.59
CA SER A 163 -6.46 0.84 -5.66
C SER A 163 -7.09 -0.45 -6.19
N ARG A 164 -6.30 -1.20 -6.96
CA ARG A 164 -6.73 -2.47 -7.54
C ARG A 164 -5.98 -3.61 -6.90
N TYR A 165 -6.46 -4.83 -7.16
CA TYR A 165 -5.86 -6.04 -6.62
C TYR A 165 -6.07 -7.21 -7.56
N LYS A 178 3.74 -5.44 -6.33
CA LYS A 178 2.85 -6.58 -6.15
C LYS A 178 3.30 -7.44 -4.98
N PHE A 179 2.42 -8.35 -4.55
CA PHE A 179 2.72 -9.22 -3.42
C PHE A 179 3.35 -10.50 -3.94
N PRO A 180 4.62 -10.80 -3.60
CA PRO A 180 5.21 -12.06 -4.05
C PRO A 180 4.63 -13.26 -3.31
N VAL A 181 3.80 -14.05 -3.99
CA VAL A 181 3.14 -15.18 -3.36
C VAL A 181 4.15 -16.10 -2.68
N ARG A 182 5.36 -16.19 -3.22
CA ARG A 182 6.33 -17.15 -2.75
C ARG A 182 7.11 -16.69 -1.52
N TRP A 183 7.02 -15.41 -1.18
CA TRP A 183 7.71 -14.87 0.00
C TRP A 183 6.77 -14.21 0.99
N SER A 184 5.45 -14.23 0.75
CA SER A 184 4.49 -13.57 1.62
C SER A 184 3.90 -14.58 2.62
N PRO A 185 3.55 -14.13 3.82
CA PRO A 185 2.94 -15.04 4.79
C PRO A 185 1.46 -15.24 4.50
N PRO A 186 0.79 -16.13 5.24
CA PRO A 186 -0.63 -16.39 4.96
C PRO A 186 -1.51 -15.15 5.12
N GLU A 187 -1.28 -14.35 6.16
CA GLU A 187 -2.15 -13.20 6.40
C GLU A 187 -2.14 -12.22 5.24
N VAL A 188 -1.06 -12.19 4.46
CA VAL A 188 -0.99 -11.28 3.31
C VAL A 188 -1.74 -11.86 2.13
N LEU A 189 -1.57 -13.16 1.86
CA LEU A 189 -2.28 -13.79 0.76
C LEU A 189 -3.78 -13.85 1.03
N MET A 190 -4.17 -14.13 2.28
CA MET A 190 -5.59 -14.12 2.63
C MET A 190 -6.18 -12.73 2.49
N TYR A 191 -5.39 -11.70 2.78
CA TYR A 191 -5.87 -10.33 2.60
C TYR A 191 -6.13 -10.03 1.13
N SER A 192 -5.22 -10.45 0.25
CA SER A 192 -5.39 -10.21 -1.18
C SER A 192 -6.59 -10.94 -1.75
N LYS A 193 -7.01 -12.03 -1.11
CA LYS A 193 -8.18 -12.77 -1.61
C LYS A 193 -9.48 -12.17 -1.09
N PHE A 194 -9.47 -11.56 0.08
CA PHE A 194 -10.66 -10.94 0.65
C PHE A 194 -10.42 -9.46 0.90
N SER A 195 -9.99 -8.74 -0.14
CA SER A 195 -9.74 -7.31 -0.01
C SER A 195 -11.02 -6.49 -0.11
N SER A 196 -12.01 -6.98 -0.87
CA SER A 196 -13.28 -6.28 -0.98
C SER A 196 -14.08 -6.35 0.31
N LYS A 197 -13.84 -7.38 1.13
CA LYS A 197 -14.55 -7.49 2.41
C LYS A 197 -14.16 -6.39 3.38
N SER A 198 -13.04 -5.71 3.14
CA SER A 198 -12.66 -4.59 4.00
C SER A 198 -13.56 -3.38 3.76
N ASP A 199 -13.88 -3.11 2.49
CA ASP A 199 -14.80 -2.01 2.18
C ASP A 199 -16.21 -2.31 2.66
N ILE A 200 -16.57 -3.59 2.77
CA ILE A 200 -17.89 -3.95 3.28
C ILE A 200 -18.04 -3.44 4.71
N TRP A 201 -17.04 -3.67 5.55
CA TRP A 201 -17.07 -3.17 6.92
C TRP A 201 -17.27 -1.66 6.94
N ALA A 202 -16.49 -0.94 6.12
CA ALA A 202 -16.63 0.51 6.05
C ALA A 202 -18.02 0.91 5.59
N PHE A 203 -18.58 0.18 4.62
CA PHE A 203 -19.93 0.48 4.14
C PHE A 203 -20.95 0.28 5.25
N GLY A 204 -20.80 -0.77 6.06
CA GLY A 204 -21.71 -0.98 7.17
C GLY A 204 -21.73 0.19 8.14
N VAL A 205 -20.55 0.73 8.44
CA VAL A 205 -20.48 1.90 9.32
C VAL A 205 -21.04 3.13 8.62
N LEU A 206 -20.89 3.22 7.30
CA LEU A 206 -21.47 4.34 6.56
C LEU A 206 -22.98 4.38 6.75
N MET A 207 -23.64 3.22 6.62
CA MET A 207 -25.08 3.18 6.83
C MET A 207 -25.44 3.68 8.23
N TRP A 208 -24.61 3.35 9.22
CA TRP A 208 -24.84 3.86 10.57
C TRP A 208 -24.79 5.39 10.58
N GLU A 209 -23.80 5.97 9.89
CA GLU A 209 -23.71 7.43 9.83
C GLU A 209 -24.97 8.03 9.23
N ILE A 210 -25.51 7.39 8.19
CA ILE A 210 -26.71 7.91 7.54
C ILE A 210 -27.89 7.88 8.52
N TYR A 211 -28.21 6.70 9.03
CA TYR A 211 -29.36 6.56 9.92
C TYR A 211 -29.15 7.23 11.27
N SER A 212 -27.90 7.50 11.63
CA SER A 212 -27.60 8.23 12.86
C SER A 212 -27.55 9.74 12.65
N LEU A 213 -27.71 10.20 11.41
CA LEU A 213 -27.73 11.64 11.10
C LEU A 213 -26.39 12.30 11.38
N GLY A 214 -25.31 11.65 10.96
CA GLY A 214 -23.99 12.23 11.05
C GLY A 214 -23.26 12.00 12.35
N LYS A 215 -23.74 11.10 13.20
CA LYS A 215 -23.05 10.82 14.46
C LYS A 215 -21.72 10.13 14.19
N MET A 216 -20.75 10.43 15.05
CA MET A 216 -19.44 9.81 14.93
C MET A 216 -19.47 8.40 15.50
N PRO A 217 -19.05 7.38 14.74
CA PRO A 217 -19.03 6.02 15.31
C PRO A 217 -18.18 5.95 16.56
N TYR A 218 -18.67 5.21 17.55
CA TYR A 218 -18.02 5.10 18.85
C TYR A 218 -17.68 6.48 19.41
N GLU A 219 -18.66 7.38 19.33
CA GLU A 219 -18.45 8.75 19.80
C GLU A 219 -18.02 8.81 21.26
N ARG A 220 -18.32 7.78 22.04
CA ARG A 220 -17.97 7.74 23.46
C ARG A 220 -16.74 6.87 23.73
N PHE A 221 -15.92 6.59 22.70
CA PHE A 221 -14.74 5.77 22.86
C PHE A 221 -13.58 6.40 22.09
N THR A 222 -12.37 6.13 22.55
CA THR A 222 -11.16 6.61 21.90
C THR A 222 -10.66 5.58 20.88
N ASN A 223 -9.74 6.02 20.03
CA ASN A 223 -9.23 5.16 18.97
C ASN A 223 -8.74 3.83 19.53
N SER A 224 -8.15 3.84 20.72
CA SER A 224 -7.69 2.60 21.33
C SER A 224 -8.84 1.81 21.94
N GLU A 225 -9.85 2.49 22.48
CA GLU A 225 -11.00 1.78 23.04
C GLU A 225 -11.88 1.19 21.94
N THR A 226 -11.98 1.86 20.80
CA THR A 226 -12.78 1.32 19.70
C THR A 226 -12.19 0.02 19.18
N ALA A 227 -10.86 -0.02 18.99
CA ALA A 227 -10.21 -1.24 18.51
C ALA A 227 -10.51 -2.41 19.44
N GLU A 228 -10.36 -2.20 20.75
CA GLU A 228 -10.69 -3.25 21.70
C GLU A 228 -12.19 -3.54 21.71
N HIS A 229 -13.02 -2.49 21.59
CA HIS A 229 -14.46 -2.68 21.59
C HIS A 229 -14.88 -3.65 20.48
N ILE A 230 -14.19 -3.60 19.34
CA ILE A 230 -14.49 -4.54 18.26
C ILE A 230 -13.87 -5.90 18.53
N ALA A 231 -12.71 -5.93 19.18
CA ALA A 231 -12.07 -7.21 19.48
C ALA A 231 -12.93 -8.06 20.42
N GLN A 232 -13.71 -7.42 21.28
CA GLN A 232 -14.58 -8.13 22.20
C GLN A 232 -15.84 -8.68 21.52
N GLY A 233 -16.07 -8.32 20.27
CA GLY A 233 -17.25 -8.78 19.54
C GLY A 233 -18.40 -7.81 19.53
N LEU A 234 -18.25 -6.64 20.15
CA LEU A 234 -19.32 -5.64 20.18
C LEU A 234 -19.27 -4.78 18.92
N ARG A 235 -20.43 -4.27 18.54
CA ARG A 235 -20.58 -3.47 17.33
C ARG A 235 -21.41 -2.23 17.65
N LEU A 236 -21.67 -1.43 16.61
CA LEU A 236 -22.46 -0.22 16.80
C LEU A 236 -23.89 -0.57 17.18
N PRO A 237 -24.56 0.27 17.96
CA PRO A 237 -25.97 0.02 18.27
C PRO A 237 -26.87 0.47 17.12
N ARG A 238 -28.01 -0.19 17.03
CA ARG A 238 -28.94 0.12 15.95
C ARG A 238 -29.44 1.56 16.08
N PRO A 239 -29.33 2.38 15.03
CA PRO A 239 -29.96 3.70 15.08
C PRO A 239 -31.47 3.57 15.20
N HIS A 240 -32.08 4.47 15.96
CA HIS A 240 -33.52 4.41 16.18
C HIS A 240 -34.31 4.64 14.90
N LEU A 241 -33.72 5.30 13.91
CA LEU A 241 -34.41 5.55 12.64
C LEU A 241 -34.33 4.36 11.70
N ALA A 242 -33.38 3.45 11.91
CA ALA A 242 -33.28 2.25 11.09
C ALA A 242 -34.21 1.17 11.62
N SER A 243 -34.84 0.44 10.70
CA SER A 243 -35.73 -0.63 11.10
C SER A 243 -34.93 -1.92 11.37
N GLU A 244 -35.63 -2.92 11.91
CA GLU A 244 -34.96 -4.16 12.25
C GLU A 244 -34.35 -4.84 11.04
N ARG A 245 -34.99 -4.71 9.88
CA ARG A 245 -34.46 -5.36 8.68
C ARG A 245 -33.27 -4.59 8.11
N VAL A 246 -33.30 -3.26 8.17
CA VAL A 246 -32.17 -2.48 7.66
C VAL A 246 -30.94 -2.72 8.52
N TYR A 247 -31.11 -2.74 9.84
CA TYR A 247 -29.98 -2.97 10.73
C TYR A 247 -29.33 -4.33 10.48
N THR A 248 -30.14 -5.33 10.08
CA THR A 248 -29.57 -6.64 9.75
C THR A 248 -28.57 -6.54 8.61
N ILE A 249 -28.80 -5.61 7.66
CA ILE A 249 -27.88 -5.46 6.54
C ILE A 249 -26.55 -4.90 7.01
N MET A 250 -26.57 -3.71 7.62
CA MET A 250 -25.34 -3.10 8.09
C MET A 250 -24.65 -3.97 9.14
N TYR A 251 -25.42 -4.70 9.94
CA TYR A 251 -24.82 -5.61 10.92
C TYR A 251 -24.14 -6.78 10.22
N SER A 252 -24.73 -7.26 9.12
CA SER A 252 -24.09 -8.34 8.37
C SER A 252 -22.74 -7.89 7.80
N CYS A 253 -22.60 -6.60 7.52
CA CYS A 253 -21.33 -6.08 7.03
C CYS A 253 -20.22 -6.21 8.06
N TRP A 254 -20.57 -6.31 9.34
CA TRP A 254 -19.60 -6.40 10.43
C TRP A 254 -19.54 -7.85 10.92
N HIS A 255 -18.67 -8.64 10.30
CA HIS A 255 -18.44 -10.02 10.69
C HIS A 255 -16.94 -10.23 10.89
N GLU A 256 -16.59 -10.90 11.99
CA GLU A 256 -15.18 -11.14 12.28
C GLU A 256 -14.49 -11.82 11.12
N LYS A 257 -15.09 -12.90 10.60
CA LYS A 257 -14.55 -13.62 9.46
C LYS A 257 -14.92 -12.84 8.19
N ALA A 258 -13.91 -12.31 7.50
CA ALA A 258 -14.16 -11.57 6.28
C ALA A 258 -14.93 -12.40 5.27
N ASP A 259 -14.55 -13.67 5.10
CA ASP A 259 -15.23 -14.53 4.15
C ASP A 259 -16.72 -14.63 4.45
N GLU A 260 -17.10 -14.50 5.73
CA GLU A 260 -18.50 -14.60 6.11
C GLU A 260 -19.29 -13.33 5.81
N ARG A 261 -18.62 -12.22 5.52
CA ARG A 261 -19.34 -10.99 5.20
C ARG A 261 -19.90 -11.08 3.78
N PRO A 262 -21.00 -10.37 3.51
CA PRO A 262 -21.58 -10.40 2.16
C PRO A 262 -20.75 -9.62 1.16
N SER A 263 -21.23 -9.53 -0.08
CA SER A 263 -20.59 -8.73 -1.12
C SER A 263 -21.49 -7.56 -1.49
N PHE A 264 -20.87 -6.50 -2.01
CA PHE A 264 -21.63 -5.32 -2.40
C PHE A 264 -22.74 -5.69 -3.38
N LYS A 265 -22.49 -6.69 -4.24
CA LYS A 265 -23.55 -7.20 -5.09
C LYS A 265 -24.71 -7.75 -4.26
N ILE A 266 -24.41 -8.34 -3.10
CA ILE A 266 -25.45 -8.91 -2.26
C ILE A 266 -26.08 -7.84 -1.36
N LEU A 267 -25.30 -6.86 -0.92
CA LEU A 267 -25.87 -5.79 -0.09
C LEU A 267 -26.92 -5.01 -0.87
N LEU A 268 -26.55 -4.52 -2.06
CA LEU A 268 -27.55 -3.90 -2.92
C LEU A 268 -28.71 -4.86 -3.19
N SER A 269 -28.40 -6.14 -3.35
CA SER A 269 -29.44 -7.14 -3.53
C SER A 269 -30.46 -7.09 -2.39
N ASN A 270 -30.00 -6.85 -1.17
CA ASN A 270 -30.88 -6.80 0.00
C ASN A 270 -31.49 -5.41 0.20
N ILE A 271 -30.70 -4.35 0.02
CA ILE A 271 -31.21 -3.00 0.24
C ILE A 271 -32.46 -2.76 -0.57
N LEU A 272 -32.48 -3.22 -1.83
CA LEU A 272 -33.67 -3.06 -2.66
C LEU A 272 -34.83 -3.86 -2.11
N ASP A 273 -34.56 -5.02 -1.48
CA ASP A 273 -35.64 -5.83 -0.93
C ASP A 273 -36.31 -5.12 0.25
N VAL A 274 -35.52 -4.45 1.09
CA VAL A 274 -36.11 -3.75 2.23
C VAL A 274 -36.84 -2.50 1.76
N MET A 275 -36.42 -1.94 0.63
CA MET A 275 -37.10 -0.77 0.08
C MET A 275 -38.52 -1.11 -0.34
N ASP A 276 -38.68 -2.12 -1.20
CA ASP A 276 -40.01 -2.52 -1.64
C ASP A 276 -40.87 -2.94 -0.45
N GLU A 277 -40.27 -3.59 0.55
CA GLU A 277 -41.02 -4.00 1.72
C GLU A 277 -41.53 -2.80 2.50
N GLU A 278 -40.73 -1.74 2.58
CA GLU A 278 -41.11 -0.53 3.32
C GLU A 278 -41.31 0.63 2.35
N SER A 279 -42.23 0.46 1.40
CA SER A 279 -42.52 1.52 0.44
C SER A 279 -43.81 1.22 -0.31
N TYR B 12 20.56 19.98 -0.10
CA TYR B 12 20.51 18.99 0.97
C TYR B 12 21.75 19.09 1.86
N GLY B 13 22.60 20.08 1.59
CA GLY B 13 23.80 20.28 2.39
C GLY B 13 25.01 19.58 1.81
N SER B 14 25.83 19.00 2.69
CA SER B 14 27.05 18.32 2.24
C SER B 14 26.74 17.07 1.42
N TRP B 15 25.51 16.53 1.52
CA TRP B 15 25.17 15.34 0.75
C TRP B 15 25.20 15.63 -0.75
N GLU B 16 24.94 16.88 -1.14
CA GLU B 16 24.99 17.25 -2.55
C GLU B 16 26.44 17.22 -3.03
N ILE B 17 26.70 16.43 -4.07
CA ILE B 17 28.04 16.25 -4.61
C ILE B 17 28.14 16.97 -5.95
N ASP B 18 29.38 17.11 -6.44
CA ASP B 18 29.63 17.75 -7.72
C ASP B 18 29.47 16.73 -8.85
N PRO B 19 28.66 17.00 -9.87
CA PRO B 19 28.52 15.99 -10.95
C PRO B 19 29.79 15.78 -11.73
N LYS B 20 30.58 16.84 -11.95
CA LYS B 20 31.81 16.71 -12.73
C LYS B 20 32.78 15.72 -12.11
N ASP B 21 32.67 15.47 -10.80
CA ASP B 21 33.55 14.53 -10.12
C ASP B 21 33.17 13.07 -10.38
N LEU B 22 32.02 12.82 -10.98
CA LEU B 22 31.58 11.46 -11.29
C LEU B 22 32.07 11.05 -12.67
N THR B 23 31.91 9.76 -12.98
CA THR B 23 32.34 9.23 -14.27
C THR B 23 31.56 7.96 -14.54
N PHE B 24 30.58 8.04 -15.46
CA PHE B 24 29.81 6.86 -15.84
C PHE B 24 30.67 5.95 -16.71
N LEU B 25 30.69 4.66 -16.37
CA LEU B 25 31.53 3.69 -17.07
C LEU B 25 30.73 2.51 -17.61
N LYS B 26 30.00 1.79 -16.76
CA LYS B 26 29.29 0.58 -17.16
C LYS B 26 27.85 0.65 -16.68
N GLU B 27 27.07 -0.37 -17.05
CA GLU B 27 25.68 -0.51 -16.62
C GLU B 27 25.53 -1.81 -15.85
N LEU B 28 24.83 -1.76 -14.73
CA LEU B 28 24.58 -2.93 -13.90
C LEU B 28 23.17 -3.47 -14.04
N GLY B 29 22.17 -2.59 -14.16
CA GLY B 29 20.80 -3.02 -14.29
C GLY B 29 19.88 -1.82 -14.32
N THR B 30 18.60 -2.11 -14.53
CA THR B 30 17.57 -1.07 -14.60
C THR B 30 16.39 -1.48 -13.74
N GLY B 31 15.83 -0.50 -13.01
CA GLY B 31 14.68 -0.74 -12.17
C GLY B 31 13.52 0.17 -12.53
N GLN B 32 12.48 0.16 -11.69
CA GLN B 32 11.32 1.01 -11.94
C GLN B 32 11.59 2.46 -11.60
N PHE B 33 12.41 2.73 -10.59
CA PHE B 33 12.70 4.07 -10.12
C PHE B 33 14.00 4.63 -10.69
N GLY B 34 14.41 4.16 -11.86
CA GLY B 34 15.61 4.65 -12.52
C GLY B 34 16.47 3.52 -13.02
N VAL B 35 17.70 3.86 -13.39
CA VAL B 35 18.67 2.90 -13.91
C VAL B 35 19.97 3.10 -13.15
N VAL B 36 20.61 1.98 -12.78
CA VAL B 36 21.87 2.01 -12.04
C VAL B 36 23.02 1.95 -13.04
N LYS B 37 24.08 2.71 -12.75
CA LYS B 37 25.24 2.77 -13.62
C LYS B 37 26.51 2.77 -12.78
N TYR B 38 27.50 2.01 -13.22
CA TYR B 38 28.76 1.89 -12.49
C TYR B 38 29.68 3.05 -12.86
N GLY B 39 30.29 3.65 -11.85
CA GLY B 39 31.18 4.78 -12.08
C GLY B 39 32.30 4.87 -11.06
N LYS B 40 33.02 5.98 -11.08
CA LYS B 40 34.15 6.21 -10.18
C LYS B 40 34.03 7.60 -9.59
N TRP B 41 34.23 7.71 -8.28
CA TRP B 41 34.21 8.98 -7.58
C TRP B 41 35.62 9.56 -7.58
N ARG B 42 35.82 10.67 -8.30
CA ARG B 42 37.12 11.32 -8.42
C ARG B 42 38.18 10.40 -9.00
N GLY B 43 37.75 9.37 -9.74
CA GLY B 43 38.70 8.44 -10.33
C GLY B 43 39.57 7.72 -9.32
N GLN B 44 39.07 7.49 -8.11
CA GLN B 44 39.82 6.79 -7.08
C GLN B 44 39.03 5.66 -6.43
N TYR B 45 37.72 5.84 -6.25
CA TYR B 45 36.89 4.85 -5.57
C TYR B 45 35.75 4.43 -6.47
N ASP B 46 35.36 3.16 -6.34
CA ASP B 46 34.25 2.62 -7.11
C ASP B 46 32.92 2.92 -6.42
N VAL B 47 31.93 3.35 -7.20
CA VAL B 47 30.63 3.73 -6.68
C VAL B 47 29.54 3.28 -7.66
N ALA B 48 28.32 3.20 -7.16
CA ALA B 48 27.15 2.91 -7.95
C ALA B 48 26.28 4.16 -8.04
N ILE B 49 25.76 4.43 -9.23
CA ILE B 49 25.01 5.65 -9.51
C ILE B 49 23.67 5.27 -10.12
N LYS B 50 22.59 5.74 -9.51
CA LYS B 50 21.23 5.46 -9.97
C LYS B 50 20.63 6.73 -10.57
N MET B 51 20.14 6.62 -11.80
CA MET B 51 19.54 7.75 -12.51
C MET B 51 18.03 7.59 -12.46
N ILE B 52 17.37 8.37 -11.60
CA ILE B 52 15.93 8.26 -11.44
C ILE B 52 15.23 8.89 -12.63
N ARG B 53 14.13 8.27 -13.05
CA ARG B 53 13.34 8.80 -14.15
C ARG B 53 12.60 10.06 -13.71
N GLU B 54 12.26 10.90 -14.69
CA GLU B 54 11.59 12.16 -14.39
C GLU B 54 10.25 11.93 -13.71
N GLY B 55 9.46 10.97 -14.20
CA GLY B 55 8.13 10.71 -13.68
C GLY B 55 7.97 9.47 -12.85
N SER B 56 9.05 8.82 -12.44
CA SER B 56 8.91 7.61 -11.64
C SER B 56 8.37 7.92 -10.25
N MET B 57 8.89 8.98 -9.61
CA MET B 57 8.49 9.36 -8.27
C MET B 57 8.12 10.83 -8.25
N SER B 58 7.32 11.21 -7.26
CA SER B 58 6.92 12.59 -7.05
C SER B 58 7.95 13.32 -6.20
N GLU B 59 7.84 14.64 -6.16
CA GLU B 59 8.77 15.44 -5.36
C GLU B 59 8.71 15.01 -3.89
N ASP B 60 7.51 15.02 -3.30
CA ASP B 60 7.38 14.64 -1.90
C ASP B 60 7.92 13.24 -1.65
N GLU B 61 7.73 12.33 -2.61
CA GLU B 61 8.21 10.96 -2.43
C GLU B 61 9.73 10.92 -2.33
N PHE B 62 10.43 11.82 -3.04
CA PHE B 62 11.89 11.83 -2.97
C PHE B 62 12.39 12.41 -1.65
N ILE B 63 11.67 13.37 -1.09
CA ILE B 63 12.11 13.96 0.18
C ILE B 63 12.02 12.93 1.30
N GLU B 64 10.96 12.11 1.30
CA GLU B 64 10.83 11.08 2.31
C GLU B 64 11.83 9.96 2.10
N GLU B 65 11.96 9.49 0.85
CA GLU B 65 12.94 8.44 0.56
C GLU B 65 14.35 8.90 0.90
N ALA B 66 14.71 10.12 0.51
CA ALA B 66 16.03 10.64 0.83
C ALA B 66 16.22 10.79 2.33
N LYS B 67 15.22 11.39 3.00
CA LYS B 67 15.33 11.60 4.44
C LYS B 67 15.60 10.30 5.19
N VAL B 68 15.16 9.17 4.64
CA VAL B 68 15.40 7.89 5.29
C VAL B 68 16.83 7.43 5.05
N MET B 69 17.36 7.67 3.84
CA MET B 69 18.69 7.18 3.50
C MET B 69 19.78 7.90 4.30
N MET B 70 19.52 9.14 4.72
CA MET B 70 20.53 9.91 5.44
C MET B 70 20.48 9.68 6.95
N ASN B 71 19.32 9.33 7.49
CA ASN B 71 19.16 9.15 8.93
C ASN B 71 19.41 7.72 9.38
N LEU B 72 19.51 6.77 8.46
CA LEU B 72 19.75 5.37 8.78
C LEU B 72 21.14 4.97 8.31
N SER B 73 21.84 4.18 9.13
CA SER B 73 23.19 3.76 8.80
C SER B 73 23.49 2.46 9.55
N HIS B 74 24.00 1.47 8.84
CA HIS B 74 24.39 0.20 9.44
C HIS B 74 25.43 -0.45 8.55
N GLU B 75 26.40 -1.12 9.18
CA GLU B 75 27.47 -1.76 8.41
C GLU B 75 26.92 -2.72 7.35
N LYS B 76 25.74 -3.30 7.60
CA LYS B 76 25.13 -4.24 6.68
C LYS B 76 24.04 -3.61 5.83
N LEU B 77 24.03 -2.29 5.72
CA LEU B 77 23.12 -1.56 4.86
C LEU B 77 23.92 -0.82 3.80
N VAL B 78 23.37 -0.73 2.59
CA VAL B 78 24.03 -0.05 1.48
C VAL B 78 24.28 1.40 1.88
N GLN B 79 25.55 1.77 2.02
CA GLN B 79 25.89 3.10 2.48
C GLN B 79 25.64 4.13 1.37
N LEU B 80 25.13 5.29 1.77
CA LEU B 80 24.85 6.38 0.83
C LEU B 80 26.07 7.29 0.76
N TYR B 81 26.61 7.47 -0.45
CA TYR B 81 27.75 8.35 -0.65
C TYR B 81 27.34 9.78 -0.96
N GLY B 82 26.16 9.98 -1.52
CA GLY B 82 25.69 11.31 -1.85
C GLY B 82 24.57 11.26 -2.86
N VAL B 83 24.15 12.45 -3.30
CA VAL B 83 23.09 12.59 -4.28
C VAL B 83 23.33 13.88 -5.06
N CYS B 84 22.70 13.98 -6.23
CA CYS B 84 22.80 15.15 -7.10
C CYS B 84 21.39 15.63 -7.42
N THR B 85 20.75 16.27 -6.44
CA THR B 85 19.41 16.81 -6.61
C THR B 85 19.39 18.15 -7.33
N LYS B 86 20.55 18.70 -7.66
CA LYS B 86 20.64 19.99 -8.34
C LYS B 86 20.50 19.86 -9.86
N GLN B 87 20.12 18.69 -10.37
CA GLN B 87 19.95 18.50 -11.81
C GLN B 87 18.83 17.50 -12.02
N ARG B 88 18.46 17.34 -13.30
CA ARG B 88 17.47 16.36 -13.72
C ARG B 88 18.08 15.54 -14.85
N PRO B 89 18.12 14.20 -14.74
CA PRO B 89 17.61 13.35 -13.66
C PRO B 89 18.48 13.41 -12.40
N ILE B 90 17.90 13.15 -11.24
CA ILE B 90 18.64 13.18 -9.99
C ILE B 90 19.43 11.89 -9.83
N PHE B 91 20.59 11.99 -9.19
CA PHE B 91 21.47 10.85 -8.97
C PHE B 91 21.46 10.45 -7.50
N ILE B 92 21.86 9.21 -7.25
CA ILE B 92 22.05 8.69 -5.89
C ILE B 92 23.32 7.86 -5.91
N ILE B 93 24.40 8.38 -5.33
CA ILE B 93 25.67 7.70 -5.30
C ILE B 93 25.77 6.87 -4.04
N THR B 94 26.13 5.59 -4.19
CA THR B 94 26.27 4.69 -3.06
C THR B 94 27.52 3.83 -3.28
N GLU B 95 27.86 3.05 -2.25
CA GLU B 95 28.98 2.14 -2.34
C GLU B 95 28.74 1.11 -3.45
N TYR B 96 29.82 0.57 -3.99
CA TYR B 96 29.75 -0.43 -5.03
C TYR B 96 29.88 -1.82 -4.42
N MET B 97 29.04 -2.74 -4.89
CA MET B 97 29.04 -4.14 -4.44
C MET B 97 29.65 -4.98 -5.56
N ALA B 98 30.88 -5.43 -5.35
CA ALA B 98 31.61 -6.11 -6.42
C ALA B 98 30.87 -7.34 -6.92
N ASN B 99 30.32 -8.14 -6.00
CA ASN B 99 29.68 -9.39 -6.38
C ASN B 99 28.23 -9.21 -6.83
N GLY B 100 27.63 -8.05 -6.56
CA GLY B 100 26.30 -7.78 -7.07
C GLY B 100 25.22 -8.57 -6.35
N CYS B 101 24.19 -8.95 -7.12
CA CYS B 101 23.02 -9.59 -6.54
C CYS B 101 23.40 -10.86 -5.77
N LEU B 102 22.63 -11.16 -4.74
CA LEU B 102 22.86 -12.36 -3.95
C LEU B 102 22.33 -13.60 -4.66
N LEU B 103 21.18 -13.48 -5.32
CA LEU B 103 20.61 -14.63 -6.01
C LEU B 103 21.59 -15.18 -7.05
N ASN B 104 21.98 -14.35 -8.02
CA ASN B 104 22.94 -14.78 -9.03
C ASN B 104 24.26 -15.19 -8.40
N TYR B 105 24.62 -14.57 -7.27
CA TYR B 105 25.84 -14.96 -6.57
C TYR B 105 25.74 -16.40 -6.06
N LEU B 106 24.60 -16.77 -5.49
CA LEU B 106 24.42 -18.13 -5.00
C LEU B 106 24.39 -19.14 -6.14
N ARG B 107 23.97 -18.71 -7.34
CA ARG B 107 23.91 -19.60 -8.49
C ARG B 107 25.20 -19.56 -9.31
N GLU B 108 25.80 -18.38 -9.47
CA GLU B 108 27.07 -18.28 -10.18
C GLU B 108 28.17 -19.02 -9.43
N MET B 109 28.49 -18.56 -8.22
CA MET B 109 29.45 -19.24 -7.36
C MET B 109 28.68 -20.23 -6.49
N ARG B 110 28.35 -21.37 -7.09
CA ARG B 110 27.54 -22.40 -6.44
C ARG B 110 28.44 -23.48 -5.87
N HIS B 111 28.22 -23.82 -4.61
CA HIS B 111 28.90 -24.91 -3.92
C HIS B 111 30.41 -24.68 -3.79
N ARG B 112 30.89 -23.48 -4.08
CA ARG B 112 32.30 -23.16 -3.94
C ARG B 112 32.62 -22.56 -2.58
N PHE B 113 31.61 -22.13 -1.82
CA PHE B 113 31.78 -21.70 -0.44
C PHE B 113 31.20 -22.77 0.48
N GLN B 114 31.92 -23.07 1.55
CA GLN B 114 31.50 -24.13 2.45
C GLN B 114 30.25 -23.72 3.23
N THR B 115 29.64 -24.70 3.89
CA THR B 115 28.38 -24.46 4.59
C THR B 115 28.53 -23.39 5.66
N GLN B 116 29.68 -23.36 6.34
CA GLN B 116 29.88 -22.37 7.39
C GLN B 116 29.74 -20.95 6.87
N GLN B 117 29.97 -20.73 5.57
CA GLN B 117 29.80 -19.40 5.00
C GLN B 117 28.34 -19.08 4.70
N LEU B 118 27.53 -20.10 4.40
CA LEU B 118 26.12 -19.85 4.09
C LEU B 118 25.42 -19.18 5.27
N LEU B 119 25.70 -19.62 6.50
CA LEU B 119 25.06 -19.04 7.66
C LEU B 119 25.48 -17.60 7.88
N GLU B 120 26.73 -17.25 7.55
CA GLU B 120 27.17 -15.87 7.68
C GLU B 120 26.35 -14.94 6.80
N MET B 121 25.90 -15.42 5.64
CA MET B 121 25.06 -14.61 4.77
C MET B 121 23.73 -14.30 5.44
N CYS B 122 23.14 -15.29 6.11
CA CYS B 122 21.89 -15.06 6.82
C CYS B 122 22.09 -14.10 7.99
N LYS B 123 23.23 -14.19 8.67
CA LYS B 123 23.52 -13.27 9.76
C LYS B 123 23.61 -11.83 9.26
N ASP B 124 24.26 -11.63 8.12
CA ASP B 124 24.41 -10.28 7.58
C ASP B 124 23.05 -9.66 7.30
N VAL B 125 22.15 -10.40 6.65
CA VAL B 125 20.82 -9.88 6.38
C VAL B 125 20.04 -9.70 7.69
N CYS B 126 20.18 -10.64 8.62
CA CYS B 126 19.49 -10.53 9.88
C CYS B 126 19.95 -9.30 10.67
N GLU B 127 21.24 -8.99 10.60
CA GLU B 127 21.75 -7.81 11.29
C GLU B 127 21.13 -6.54 10.74
N ALA B 128 21.02 -6.44 9.41
CA ALA B 128 20.42 -5.25 8.81
C ALA B 128 18.94 -5.16 9.15
N MET B 129 18.21 -6.27 9.05
CA MET B 129 16.79 -6.24 9.35
C MET B 129 16.54 -5.92 10.82
N GLU B 130 17.37 -6.47 11.71
CA GLU B 130 17.23 -6.16 13.13
C GLU B 130 17.38 -4.67 13.38
N TYR B 131 18.27 -4.01 12.63
CA TYR B 131 18.44 -2.56 12.77
C TYR B 131 17.18 -1.83 12.28
N LEU B 132 16.72 -2.15 11.08
CA LEU B 132 15.50 -1.54 10.57
C LEU B 132 14.31 -1.86 11.48
N GLU B 133 14.28 -3.06 12.04
CA GLU B 133 13.23 -3.41 12.98
C GLU B 133 13.22 -2.47 14.18
N SER B 134 14.41 -2.19 14.73
CA SER B 134 14.48 -1.27 15.87
C SER B 134 14.01 0.13 15.50
N LYS B 135 14.11 0.49 14.22
CA LYS B 135 13.67 1.80 13.75
C LYS B 135 12.25 1.76 13.18
N GLN B 136 11.54 0.65 13.32
CA GLN B 136 10.17 0.51 12.85
C GLN B 136 10.09 0.66 11.33
N PHE B 137 10.99 -0.04 10.64
CA PHE B 137 11.04 -0.06 9.19
C PHE B 137 10.81 -1.48 8.68
N LEU B 138 10.04 -1.59 7.60
CA LEU B 138 9.66 -2.88 7.03
C LEU B 138 10.19 -2.97 5.60
N HIS B 139 10.81 -4.10 5.28
CA HIS B 139 11.28 -4.35 3.92
C HIS B 139 10.11 -4.77 3.04
N ARG B 140 9.86 -4.00 1.98
CA ARG B 140 8.71 -4.28 1.13
C ARG B 140 8.90 -5.54 0.30
N ASP B 141 10.16 -5.90 0.00
CA ASP B 141 10.44 -7.07 -0.84
C ASP B 141 11.78 -7.65 -0.38
N LEU B 142 11.72 -8.46 0.68
CA LEU B 142 12.90 -9.12 1.22
C LEU B 142 13.07 -10.46 0.52
N ALA B 143 14.12 -10.57 -0.28
CA ALA B 143 14.41 -11.80 -1.02
C ALA B 143 15.85 -11.77 -1.50
N ALA B 144 16.33 -12.92 -1.95
CA ALA B 144 17.71 -13.00 -2.42
C ALA B 144 17.95 -12.10 -3.62
N ARG B 145 16.91 -11.81 -4.41
CA ARG B 145 17.08 -10.96 -5.57
C ARG B 145 17.26 -9.49 -5.22
N ASN B 146 16.89 -9.10 -4.00
CA ASN B 146 17.01 -7.72 -3.56
C ASN B 146 18.19 -7.50 -2.61
N CYS B 147 19.09 -8.48 -2.51
CA CYS B 147 20.27 -8.37 -1.67
C CYS B 147 21.52 -8.32 -2.53
N LEU B 148 22.49 -7.51 -2.12
CA LEU B 148 23.74 -7.35 -2.84
C LEU B 148 24.89 -7.89 -2.02
N VAL B 149 25.95 -8.32 -2.71
CA VAL B 149 27.13 -8.90 -2.09
C VAL B 149 28.34 -8.09 -2.52
N ASN B 150 29.19 -7.73 -1.55
CA ASN B 150 30.38 -6.94 -1.82
C ASN B 150 31.55 -7.85 -2.14
N ASP B 151 32.75 -7.28 -2.24
CA ASP B 151 33.93 -8.06 -2.62
C ASP B 151 34.25 -9.13 -1.56
N GLN B 152 34.09 -8.78 -0.29
CA GLN B 152 34.41 -9.69 0.80
C GLN B 152 33.29 -10.68 1.12
N GLY B 153 32.24 -10.72 0.30
CA GLY B 153 31.16 -11.66 0.53
C GLY B 153 30.16 -11.24 1.59
N VAL B 154 30.07 -9.94 1.89
CA VAL B 154 29.13 -9.45 2.88
C VAL B 154 27.83 -9.10 2.19
N VAL B 155 26.73 -9.58 2.75
CA VAL B 155 25.40 -9.34 2.20
C VAL B 155 24.80 -8.12 2.88
N LYS B 156 24.18 -7.24 2.10
CA LYS B 156 23.58 -6.02 2.61
C LYS B 156 22.29 -5.72 1.87
N VAL B 157 21.33 -5.15 2.59
CA VAL B 157 20.07 -4.75 2.00
C VAL B 157 20.11 -3.23 1.75
N SER B 158 19.11 -2.73 1.02
CA SER B 158 19.06 -1.34 0.64
C SER B 158 18.06 -0.56 1.49
N ASP B 159 18.18 0.76 1.45
CA ASP B 159 17.27 1.66 2.12
C ASP B 159 16.21 2.24 1.19
N PHE B 160 16.38 2.09 -0.11
CA PHE B 160 15.44 2.66 -1.07
C PHE B 160 14.15 1.83 -1.10
N GLY B 161 13.02 2.52 -1.08
CA GLY B 161 11.75 1.84 -1.13
C GLY B 161 11.33 1.18 0.16
N LEU B 162 11.74 1.72 1.30
CA LEU B 162 11.40 1.16 2.60
C LEU B 162 10.07 1.71 3.09
N SER B 163 9.48 1.02 4.06
CA SER B 163 8.20 1.39 4.64
C SER B 163 8.36 1.67 6.12
N ARG B 164 7.38 2.37 6.68
CA ARG B 164 7.37 2.74 8.09
C ARG B 164 6.13 2.14 8.77
N TYR B 165 6.15 2.15 10.09
CA TYR B 165 5.05 1.61 10.88
C TYR B 165 4.89 2.38 12.18
N PRO B 180 -8.50 5.10 9.05
CA PRO B 180 -9.87 5.12 9.57
C PRO B 180 -10.09 4.01 10.60
N VAL B 181 -9.82 4.32 11.88
CA VAL B 181 -9.92 3.30 12.91
C VAL B 181 -11.36 2.87 13.08
N ARG B 182 -12.29 3.82 12.98
CA ARG B 182 -13.71 3.58 13.23
C ARG B 182 -14.44 3.11 11.99
N TRP B 183 -13.74 2.93 10.87
CA TRP B 183 -14.32 2.40 9.65
C TRP B 183 -13.49 1.25 9.08
N SER B 184 -12.46 0.81 9.79
CA SER B 184 -11.62 -0.28 9.31
C SER B 184 -12.00 -1.58 10.01
N PRO B 185 -11.90 -2.72 9.33
CA PRO B 185 -12.35 -3.98 9.93
C PRO B 185 -11.33 -4.52 10.92
N PRO B 186 -11.70 -5.54 11.69
CA PRO B 186 -10.74 -6.12 12.64
C PRO B 186 -9.52 -6.71 11.96
N GLU B 187 -9.68 -7.25 10.75
CA GLU B 187 -8.54 -7.80 10.02
C GLU B 187 -7.50 -6.74 9.73
N VAL B 188 -7.94 -5.49 9.52
CA VAL B 188 -7.01 -4.41 9.23
C VAL B 188 -6.33 -3.90 10.50
N LEU B 189 -7.08 -3.88 11.62
CA LEU B 189 -6.51 -3.40 12.88
C LEU B 189 -5.44 -4.35 13.39
N MET B 190 -5.73 -5.65 13.37
CA MET B 190 -4.76 -6.64 13.85
C MET B 190 -3.49 -6.59 13.01
N TYR B 191 -3.62 -6.47 11.69
CA TYR B 191 -2.45 -6.40 10.83
C TYR B 191 -1.62 -5.16 11.12
N SER B 192 -2.27 -4.05 11.47
CA SER B 192 -1.55 -2.81 11.75
C SER B 192 -0.68 -2.88 12.98
N LYS B 193 -0.83 -3.92 13.81
CA LYS B 193 -0.04 -4.07 15.02
C LYS B 193 1.00 -5.18 14.94
N PHE B 194 0.81 -6.16 14.06
CA PHE B 194 1.73 -7.28 13.91
C PHE B 194 2.24 -7.39 12.47
N SER B 195 2.28 -6.26 11.76
CA SER B 195 2.74 -6.25 10.38
C SER B 195 4.22 -6.54 10.26
N SER B 196 5.00 -6.29 11.32
CA SER B 196 6.44 -6.55 11.27
C SER B 196 6.74 -8.04 11.04
N LYS B 197 5.77 -8.92 11.26
CA LYS B 197 5.97 -10.35 11.08
C LYS B 197 5.99 -10.75 9.61
N SER B 198 5.64 -9.85 8.69
CA SER B 198 5.76 -10.17 7.28
C SER B 198 7.21 -10.28 6.85
N ASP B 199 8.07 -9.40 7.38
CA ASP B 199 9.50 -9.48 7.07
C ASP B 199 10.15 -10.71 7.68
N ILE B 200 9.52 -11.35 8.67
CA ILE B 200 10.09 -12.55 9.25
C ILE B 200 9.86 -13.75 8.34
N TRP B 201 8.63 -13.90 7.86
CA TRP B 201 8.34 -14.99 6.92
C TRP B 201 9.22 -14.89 5.69
N ALA B 202 9.33 -13.70 5.10
CA ALA B 202 10.17 -13.52 3.92
C ALA B 202 11.62 -13.87 4.23
N PHE B 203 12.10 -13.47 5.42
CA PHE B 203 13.47 -13.82 5.80
C PHE B 203 13.66 -15.33 5.88
N GLY B 204 12.67 -16.04 6.42
CA GLY B 204 12.75 -17.49 6.47
C GLY B 204 12.88 -18.10 5.09
N VAL B 205 12.12 -17.59 4.12
CA VAL B 205 12.23 -18.09 2.76
C VAL B 205 13.56 -17.66 2.15
N LEU B 206 14.14 -16.56 2.61
CA LEU B 206 15.45 -16.14 2.11
C LEU B 206 16.52 -17.16 2.50
N MET B 207 16.58 -17.52 3.78
CA MET B 207 17.52 -18.55 4.21
C MET B 207 17.36 -19.81 3.37
N TRP B 208 16.12 -20.14 2.99
CA TRP B 208 15.90 -21.26 2.10
C TRP B 208 16.60 -21.04 0.76
N GLU B 209 16.52 -19.81 0.23
CA GLU B 209 17.19 -19.52 -1.03
C GLU B 209 18.70 -19.60 -0.90
N ILE B 210 19.24 -19.19 0.23
CA ILE B 210 20.69 -19.21 0.42
C ILE B 210 21.18 -20.65 0.54
N TYR B 211 20.56 -21.44 1.43
CA TYR B 211 21.01 -22.81 1.63
C TYR B 211 20.66 -23.68 0.43
N SER B 212 19.62 -23.34 -0.32
CA SER B 212 19.31 -24.03 -1.57
C SER B 212 20.15 -23.53 -2.73
N LEU B 213 20.94 -22.48 -2.52
CA LEU B 213 21.84 -21.94 -3.56
C LEU B 213 21.04 -21.43 -4.76
N GLY B 214 20.12 -20.50 -4.47
CA GLY B 214 19.37 -19.83 -5.50
C GLY B 214 18.20 -20.61 -6.05
N LYS B 215 17.77 -21.68 -5.39
CA LYS B 215 16.60 -22.42 -5.85
C LYS B 215 15.35 -21.57 -5.69
N MET B 216 14.50 -21.59 -6.70
CA MET B 216 13.28 -20.81 -6.68
C MET B 216 12.25 -21.49 -5.77
N PRO B 217 11.71 -20.80 -4.76
CA PRO B 217 10.77 -21.46 -3.84
C PRO B 217 9.59 -22.06 -4.60
N TYR B 218 9.25 -23.30 -4.24
CA TYR B 218 8.13 -24.02 -4.83
C TYR B 218 8.25 -24.04 -6.36
N GLU B 219 9.34 -24.64 -6.82
CA GLU B 219 9.58 -24.72 -8.26
C GLU B 219 8.49 -25.52 -8.97
N ARG B 220 7.95 -26.54 -8.32
CA ARG B 220 6.93 -27.40 -8.91
C ARG B 220 5.51 -26.90 -8.64
N PHE B 221 5.35 -25.62 -8.32
CA PHE B 221 4.04 -25.05 -8.04
C PHE B 221 3.92 -23.68 -8.70
N THR B 222 2.67 -23.29 -8.99
CA THR B 222 2.38 -21.99 -9.56
C THR B 222 2.06 -21.00 -8.45
N ASN B 223 1.76 -19.76 -8.84
CA ASN B 223 1.42 -18.74 -7.86
C ASN B 223 0.12 -19.09 -7.14
N SER B 224 -0.90 -19.50 -7.90
CA SER B 224 -2.17 -19.87 -7.29
C SER B 224 -2.00 -21.11 -6.40
N GLU B 225 -1.22 -22.09 -6.85
CA GLU B 225 -0.99 -23.28 -6.05
C GLU B 225 -0.33 -22.93 -4.73
N THR B 226 0.82 -22.26 -4.79
CA THR B 226 1.57 -21.91 -3.58
C THR B 226 0.64 -21.28 -2.53
N ALA B 227 -0.11 -20.25 -2.93
CA ALA B 227 -1.01 -19.60 -1.99
C ALA B 227 -1.96 -20.60 -1.34
N GLU B 228 -2.36 -21.64 -2.07
CA GLU B 228 -3.26 -22.64 -1.52
C GLU B 228 -2.53 -23.66 -0.66
N HIS B 229 -1.29 -24.00 -1.00
CA HIS B 229 -0.55 -24.99 -0.23
C HIS B 229 -0.09 -24.42 1.10
N ILE B 230 0.36 -23.16 1.12
CA ILE B 230 0.76 -22.54 2.37
C ILE B 230 -0.44 -22.41 3.30
N ALA B 231 -1.61 -22.15 2.72
CA ALA B 231 -2.82 -22.04 3.53
C ALA B 231 -3.18 -23.37 4.17
N GLN B 232 -2.76 -24.48 3.57
CA GLN B 232 -3.04 -25.80 4.11
C GLN B 232 -1.97 -26.30 5.07
N GLY B 233 -0.86 -25.58 5.22
CA GLY B 233 0.21 -25.96 6.10
C GLY B 233 1.49 -26.37 5.41
N LEU B 234 1.53 -26.41 4.09
CA LEU B 234 2.73 -26.81 3.38
C LEU B 234 3.82 -25.77 3.58
N ARG B 235 5.03 -26.23 3.91
CA ARG B 235 6.19 -25.37 4.08
C ARG B 235 7.33 -25.87 3.21
N LEU B 236 8.30 -25.00 2.97
CA LEU B 236 9.40 -25.34 2.09
C LEU B 236 10.19 -26.51 2.68
N PRO B 237 10.62 -27.46 1.86
CA PRO B 237 11.49 -28.53 2.37
C PRO B 237 12.75 -27.96 3.01
N ARG B 238 13.53 -28.85 3.63
CA ARG B 238 14.78 -28.45 4.26
C ARG B 238 15.92 -28.56 3.27
N PRO B 239 16.63 -27.47 2.97
CA PRO B 239 17.80 -27.57 2.09
C PRO B 239 18.76 -28.65 2.60
N HIS B 240 19.31 -29.42 1.65
CA HIS B 240 20.23 -30.49 2.01
C HIS B 240 21.51 -29.92 2.63
N LEU B 241 21.86 -28.68 2.31
CA LEU B 241 23.02 -28.01 2.87
C LEU B 241 22.72 -27.31 4.19
N ALA B 242 21.50 -27.43 4.71
CA ALA B 242 21.10 -26.81 5.96
C ALA B 242 20.95 -27.88 7.03
N SER B 243 21.62 -27.69 8.15
CA SER B 243 21.51 -28.65 9.25
C SER B 243 20.10 -28.64 9.82
N GLU B 244 19.80 -29.69 10.60
CA GLU B 244 18.48 -29.79 11.22
C GLU B 244 18.20 -28.61 12.12
N ARG B 245 19.24 -28.05 12.76
CA ARG B 245 19.05 -26.90 13.63
C ARG B 245 18.86 -25.62 12.82
N VAL B 246 19.55 -25.49 11.69
CA VAL B 246 19.32 -24.34 10.80
C VAL B 246 17.88 -24.35 10.30
N TYR B 247 17.37 -25.54 9.96
CA TYR B 247 15.98 -25.64 9.51
C TYR B 247 15.03 -25.10 10.56
N THR B 248 15.35 -25.32 11.85
CA THR B 248 14.50 -24.79 12.90
C THR B 248 14.38 -23.27 12.82
N ILE B 249 15.46 -22.59 12.41
CA ILE B 249 15.42 -21.13 12.29
C ILE B 249 14.45 -20.73 11.18
N MET B 250 14.76 -21.11 9.94
CA MET B 250 13.88 -20.76 8.83
C MET B 250 12.47 -21.29 9.04
N TYR B 251 12.34 -22.48 9.64
CA TYR B 251 11.02 -23.04 9.88
C TYR B 251 10.30 -22.31 11.00
N SER B 252 11.04 -21.75 11.96
CA SER B 252 10.40 -20.94 13.00
C SER B 252 9.75 -19.70 12.42
N CYS B 253 10.29 -19.17 11.32
CA CYS B 253 9.70 -18.02 10.66
C CYS B 253 8.42 -18.36 9.91
N TRP B 254 8.13 -19.64 9.68
CA TRP B 254 6.96 -20.06 8.91
C TRP B 254 5.88 -20.62 9.83
N HIS B 255 5.44 -19.78 10.76
CA HIS B 255 4.36 -20.11 11.67
C HIS B 255 3.09 -19.44 11.20
N GLU B 256 2.00 -20.20 11.13
CA GLU B 256 0.73 -19.66 10.66
C GLU B 256 0.34 -18.41 11.44
N LYS B 257 0.41 -18.48 12.76
CA LYS B 257 0.14 -17.32 13.61
C LYS B 257 1.34 -16.38 13.56
N ALA B 258 1.14 -15.16 13.05
CA ALA B 258 2.24 -14.21 12.96
C ALA B 258 2.82 -13.90 14.33
N ASP B 259 1.95 -13.71 15.33
CA ASP B 259 2.43 -13.42 16.68
C ASP B 259 3.24 -14.57 17.26
N GLU B 260 3.09 -15.78 16.72
CA GLU B 260 3.89 -16.92 17.17
C GLU B 260 5.25 -16.99 16.49
N ARG B 261 5.58 -16.03 15.63
CA ARG B 261 6.85 -16.02 14.92
C ARG B 261 7.89 -15.24 15.72
N PRO B 262 9.17 -15.50 15.50
CA PRO B 262 10.21 -14.80 16.25
C PRO B 262 10.48 -13.41 15.66
N SER B 263 11.32 -12.67 16.37
CA SER B 263 11.76 -11.35 15.95
C SER B 263 13.18 -11.43 15.40
N PHE B 264 13.58 -10.37 14.69
CA PHE B 264 14.91 -10.34 14.09
C PHE B 264 15.99 -10.36 15.16
N LYS B 265 15.72 -9.80 16.34
CA LYS B 265 16.68 -9.86 17.43
C LYS B 265 16.84 -11.30 17.93
N ILE B 266 15.73 -12.01 18.11
CA ILE B 266 15.80 -13.40 18.53
C ILE B 266 16.46 -14.25 17.44
N LEU B 267 16.06 -14.04 16.18
CA LEU B 267 16.65 -14.80 15.08
C LEU B 267 18.16 -14.59 15.03
N LEU B 268 18.61 -13.35 15.23
CA LEU B 268 20.05 -13.08 15.23
C LEU B 268 20.74 -13.86 16.33
N SER B 269 20.13 -13.94 17.51
CA SER B 269 20.71 -14.72 18.61
C SER B 269 20.73 -16.20 18.26
N ASN B 270 19.65 -16.70 17.64
CA ASN B 270 19.62 -18.11 17.25
C ASN B 270 20.67 -18.40 16.19
N ILE B 271 20.83 -17.51 15.20
CA ILE B 271 21.85 -17.70 14.18
C ILE B 271 23.23 -17.71 14.82
N LEU B 272 23.52 -16.70 15.66
CA LEU B 272 24.80 -16.67 16.35
C LEU B 272 24.98 -17.87 17.26
N ASP B 273 23.90 -18.36 17.86
CA ASP B 273 24.00 -19.56 18.70
C ASP B 273 24.44 -20.76 17.89
N VAL B 274 23.88 -20.93 16.69
CA VAL B 274 24.25 -22.07 15.85
C VAL B 274 25.67 -21.93 15.36
N MET B 275 26.08 -20.71 15.00
CA MET B 275 27.44 -20.50 14.49
C MET B 275 28.49 -20.96 15.51
N ASP B 276 28.26 -20.66 16.79
CA ASP B 276 29.23 -21.03 17.81
C ASP B 276 29.24 -22.54 18.03
N GLU B 277 28.08 -23.18 17.96
CA GLU B 277 27.98 -24.62 18.19
C GLU B 277 28.48 -25.45 17.01
N GLU B 278 28.50 -24.87 15.81
CA GLU B 278 28.92 -25.59 14.62
C GLU B 278 30.33 -25.24 14.16
N SER B 279 30.81 -24.04 14.47
CA SER B 279 32.15 -23.62 14.08
C SER B 279 33.03 -23.39 15.31
C1 1N1 C . -17.06 17.76 -7.28
C2 1N1 C . -16.10 17.63 -6.23
C3 1N1 C . -14.76 16.90 -6.32
N6 1N1 C . -22.15 23.70 0.81
C7 1N1 C . -10.71 14.17 -7.83
C8 1N1 C . -11.77 13.54 -7.19
C9 1N1 C . -13.00 14.18 -7.08
C10 1N1 C . -14.16 13.47 -6.39
C11 1N1 C . -18.73 20.26 -3.43
C12 1N1 C . -19.57 21.21 -2.93
C13 1N1 C . -19.36 21.77 -1.72
C14 1N1 C . -17.44 20.47 -1.52
C15 1N1 C . -16.22 20.04 -0.70
C16 1N1 C . -21.65 22.34 -1.20
C19 1N1 C . -19.79 23.25 0.10
C20 1N1 C . -23.05 24.69 0.23
C21 1N1 C . -24.46 24.45 0.73
N 1N1 C . -19.02 19.66 -4.74
C 1N1 C . -18.04 18.88 -5.50
N1 1N1 C . -18.16 18.48 -6.86
S 1N1 C . -16.68 18.35 -5.02
N2 1N1 C . -14.43 16.15 -7.52
C4 1N1 C . -13.16 15.45 -7.62
C5 1N1 C . -12.09 16.08 -8.24
C6 1N1 C . -10.87 15.44 -8.35
CL 1N1 C . -12.30 17.72 -8.92
O 1N1 C . -13.98 16.94 -5.42
N3 1N1 C . -18.29 21.41 -1.02
N4 1N1 C . -17.68 19.90 -2.71
N5 1N1 C . -20.26 22.80 -1.20
C17 1N1 C . -22.30 22.40 0.18
C18 1N1 C . -20.77 24.17 0.83
O1 1N1 C . -25.18 25.65 0.67
H1 1N1 C . -16.96 17.41 -8.15
H7 1N1 C . -9.90 13.73 -7.89
H8 1N1 C . -11.66 12.69 -6.84
H101 1N1 C . -14.53 12.80 -6.99
H102 1N1 C . -14.84 14.12 -6.16
H103 1N1 C . -13.84 13.05 -5.59
H12 1N1 C . -20.32 21.47 -3.44
H151 1N1 C . -16.50 19.51 0.05
H152 1N1 C . -15.63 19.51 -1.27
H153 1N1 C . -15.75 20.83 -0.40
H161 1N1 C . -21.67 21.42 -1.51
H162 1N1 C . -22.16 22.90 -1.80
H191 1N1 C . -19.63 22.47 0.65
H192 1N1 C . -18.97 23.73 -0.03
H201 1N1 C . -22.75 25.58 0.49
H202 1N1 C . -23.02 24.61 -0.74
H211 1N1 C . -24.89 23.79 0.16
H212 1N1 C . -24.44 24.13 1.64
HN 1N1 C . -19.81 19.77 -5.07
HN2 1N1 C . -14.98 16.12 -8.17
H6 1N1 C . -10.15 15.86 -8.77
H171 1N1 C . -23.24 22.20 0.09
H172 1N1 C . -21.88 21.73 0.75
H181 1N1 C . -20.49 24.24 1.76
H182 1N1 C . -20.74 25.05 0.42
HO1 1N1 C . -25.04 26.03 -0.08
C1 1N1 D . 25.28 -0.71 -5.36
C2 1N1 D . 24.08 -0.91 -6.14
C3 1N1 D . 22.81 -0.08 -6.03
N6 1N1 D . 28.37 -9.37 -11.88
C7 1N1 D . 19.17 3.19 -4.50
C8 1N1 D . 19.21 1.93 -3.93
C9 1N1 D . 20.36 1.15 -4.06
C10 1N1 D . 20.40 -0.23 -3.43
C11 1N1 D . 26.06 -4.43 -8.46
C12 1N1 D . 26.94 -5.17 -9.17
C13 1N1 D . 26.53 -5.94 -10.22
C14 1N1 D . 24.36 -5.20 -9.83
C15 1N1 D . 22.88 -5.21 -10.20
C16 1N1 D . 28.27 -7.64 -10.13
C19 1N1 D . 26.80 -7.42 -12.08
C20 1N1 D . 29.79 -9.25 -12.13
C21 1N1 D . 30.14 -10.04 -13.39
N 1N1 D . 26.55 -3.62 -7.33
C 1N1 D . 25.79 -2.53 -6.74
N1 1N1 D . 26.24 -1.64 -5.71
S 1N1 D . 24.34 -2.08 -7.06
N2 1N1 D . 22.65 0.83 -4.90
C4 1N1 D . 21.44 1.64 -4.76
C5 1N1 D . 21.40 2.90 -5.33
C6 1N1 D . 20.25 3.67 -5.20
CL 1N1 D . 22.80 3.51 -6.24
O 1N1 D . 21.96 -0.16 -6.85
N3 1N1 D . 25.24 -5.94 -10.54
N4 1N1 D . 24.78 -4.45 -8.79
N5 1N1 D . 27.49 -6.74 -10.99
C17 1N1 D . 28.07 -9.11 -10.48
C18 1N1 D . 27.62 -8.51 -12.78
O1 1N1 D . 30.71 -9.18 -14.34
H1 1N1 D . 25.39 -0.06 -4.71
H7 1N1 D . 18.40 3.71 -4.42
H8 1N1 D . 18.48 1.60 -3.46
H101 1N1 D . 20.70 -0.16 -2.50
H102 1N1 D . 21.02 -0.80 -3.92
H103 1N1 D . 19.52 -0.63 -3.45
H12 1N1 D . 27.85 -5.16 -8.94
H151 1N1 D . 22.49 -6.07 -9.98
H152 1N1 D . 22.41 -4.51 -9.72
H153 1N1 D . 22.79 -5.06 -11.16
H161 1N1 D . 27.99 -7.49 -9.21
H162 1N1 D . 29.21 -7.42 -10.23
H191 1N1 D . 26.00 -7.83 -11.72
H192 1N1 D . 26.55 -6.75 -12.73
H201 1N1 D . 30.04 -8.33 -12.25
H202 1N1 D . 30.29 -9.61 -11.38
H211 1N1 D . 30.79 -10.74 -13.17
H212 1N1 D . 29.34 -10.45 -13.75
HN 1N1 D . 27.33 -3.81 -7.01
HN2 1N1 D . 23.27 0.88 -4.31
H6 1N1 D . 20.22 4.52 -5.59
H171 1N1 D . 28.67 -9.64 -9.93
H172 1N1 D . 27.15 -9.36 -10.31
H181 1N1 D . 27.01 -9.07 -13.29
H182 1N1 D . 28.24 -8.08 -13.38
HO1 1N1 D . 31.43 -8.86 -14.04
#